data_4UXY
#
_entry.id   4UXY
#
_cell.length_a   1.000
_cell.length_b   1.000
_cell.length_c   1.000
_cell.angle_alpha   90.00
_cell.angle_beta   90.00
_cell.angle_gamma   90.00
#
_symmetry.space_group_name_H-M   'P 1'
#
loop_
_entity.id
_entity.type
_entity.pdbx_description
1 polymer 'ALPHA TUBULIN'
2 polymer 'BETA TUBULIN'
3 polymer 'KINESIN-1 MOTOR DOMAIN'
4 non-polymer 'ZINC ION'
5 non-polymer 'MAGNESIUM ION'
6 non-polymer "GUANOSINE-5'-TRIPHOSPHATE"
7 non-polymer "GUANOSINE-5'-DIPHOSPHATE"
8 non-polymer TAXOL
#
loop_
_entity_poly.entity_id
_entity_poly.type
_entity_poly.pdbx_seq_one_letter_code
_entity_poly.pdbx_strand_id
1 'polypeptide(L)'
;MRECISIHVGQAGVQIGNACWELYCLEHGIQPDGQMPSDKTIGGGDDSFNTFFSETGAGKHVPRAVFVDLEPTVIDEVRT
GTYRQLFHPEQLITGKEDAANNYARGHYTIGKEIIDLVLDRIRKLADQCTGLQGFSVFHSFGGGTGSGFTSLLMERLSVD
YGKKSKLEFSIYPAPQVSTAVVEPYNSILTTHTTLEHSDCAFMVDNEAIYDICRRNLDIERPTYTNLNRLIGQIVSSITA
SLRFDGALNVDLTEFQTNLVPYPRGHFPLATYAPVISAEKAYHEQLSVAEITNACFEPANQMVKCDPRHGKYMACCLLYR
GDVVPKDVNAAIATIKTKRTIQFVDWCPTGFKVGINYEPPTVVPGGDLAKVQRAVCMLSNTTAIAEAWARLDHKFDLMYA
KRAFVHWYVGEGMEEGEFSEAREDMAALEKDYEEVGVDSVEGEGEEEGEEY
;
A
2 'polypeptide(L)'
;MREIVHIQAGQCGNQIGAKFWEVISDEHGIDPTGSYHGDSDLQLERINVYYNEAAGNKYVPRAILVDLEPGTMDSVRSGP
FGQIFRPDNFVFGQSGAGNNWAKGHYTEGAELVDSVLDVVRKESESCDCLQGFQLTHSLGGGTGSGMGTLLISKIREEYP
DRIMNTFSVVPSPKVSDTVVEPYNATLSVHQLVENTDETYCIDNEALYDICFRTLKLTTPTYGDLNHLVSATMSGVTTCL
RFPGQLNADLRKLAVNMVPFPRLHFFMPGFAPLTSRGSQQYRALTVPELTQQMFDAKNMMAACDPRHGRYLTVAAVFRGR
MSMKEVDEQMLNVQNKNSSYFVEWIPNNVKTAVCDIPPRGLKMSATFIGNSTAIQELFKRISEQFTAMFRRKAFLHWYTG
EGMDEMEFTEAESNMNDLVSEYQQYQDATADEQGEFEEEGEEDEA
;
B
3 'polypeptide(L)'
;MAETNNECSIKVLCRFRPLNQAEILRGDKFIPIFQGDDSVVIGGKPYVFDRVFPPNTTQEQVYHACAMQIVKDVLAGYNG
TIFAYGQTSSGKTHTMEGKLHDPQLMGIIPRIARDIFNHIYSMDENLEFHIKVSYFEIYLDKIRDLLDVTKTNLSVHEDK
NRVPFVKGCTERFVSSPEEILDVIDEGKSNRHVAVTNMNEHSSRSHSIFLINIKQENMETEQKLSGKLYLVDLAGSEKVS
KTGAEGAVLDEAKNINKSLSALGNVISALAEGTKSYVPYRDSKMTRILQDSLGGNCRTTMFICCSPSSYNDAETKSTLMF
GQRAKTIKNTASVNLELTAE
;
C
#
# COMPACT_ATOMS: atom_id res chain seq x y z
CA ARG A 2 -20.54 32.22 15.37
CA GLU A 3 -17.09 30.88 14.51
CA CYS A 4 -15.94 27.92 12.44
CA ILE A 5 -12.75 26.03 13.31
CA SER A 6 -10.73 24.47 10.50
CA ILE A 7 -8.63 21.34 10.33
CA HIS A 8 -6.23 21.22 7.42
CA VAL A 9 -5.33 17.56 6.96
CA GLY A 10 -2.74 16.06 4.64
CA GLN A 11 0.25 17.81 3.08
CA ALA A 12 -2.05 19.18 0.42
CA GLY A 13 -4.80 20.27 2.79
CA VAL A 14 -1.93 22.00 4.55
CA GLN A 15 -0.45 23.67 1.44
CA ILE A 16 -3.92 24.84 0.47
CA GLY A 17 -4.24 25.70 4.13
CA ASN A 18 -1.16 27.90 4.20
CA ALA A 19 -2.67 29.55 1.11
CA CYS A 20 -6.24 30.11 2.27
CA TRP A 21 -4.65 31.15 5.52
CA GLU A 22 -2.52 33.64 3.67
CA LEU A 23 -5.28 35.33 1.71
CA TYR A 24 -6.89 35.83 5.10
CA CYS A 25 -4.62 38.16 7.04
CA LEU A 26 -3.97 39.77 3.66
CA GLU A 27 -7.52 41.13 3.59
CA HIS A 28 -7.74 41.72 7.35
CA GLY A 29 -4.64 43.87 7.82
CA ILE A 30 -2.94 41.39 10.14
CA GLN A 31 0.69 41.04 8.96
CA PRO A 32 3.07 38.10 9.80
CA ASP A 33 2.90 38.67 13.52
CA GLY A 34 -0.41 40.20 14.63
CA HIS A 61 -3.53 37.89 16.33
CA VAL A 62 -4.05 34.12 16.60
CA PRO A 63 -5.46 31.73 13.96
CA ARG A 64 -8.37 29.43 14.72
CA ALA A 65 -7.42 26.11 13.17
CA VAL A 66 -5.05 23.18 13.24
CA PHE A 67 -2.62 21.29 10.99
CA VAL A 68 -2.35 17.49 10.75
CA ASP A 69 0.14 15.31 8.85
CA LEU A 70 2.05 12.07 9.32
CA GLU A 71 5.02 13.45 7.38
CA PRO A 72 6.83 16.09 9.43
CA THR A 73 8.70 17.85 6.63
CA VAL A 74 5.45 19.37 5.27
CA ILE A 75 3.92 20.91 8.41
CA ASP A 76 7.49 21.94 9.01
CA GLU A 77 7.08 24.17 5.94
CA VAL A 78 4.56 26.07 8.02
CA ARG A 79 7.14 25.96 10.80
CA THR A 80 10.00 27.18 8.58
CA GLY A 81 8.44 29.26 5.82
CA THR A 82 6.11 32.25 5.76
CA TYR A 83 3.36 32.65 8.36
CA ARG A 84 5.80 30.97 10.72
CA GLN A 85 4.95 32.70 14.02
CA LEU A 86 1.27 33.27 13.30
CA PHE A 87 0.62 29.78 14.66
CA HIS A 88 0.95 27.99 17.96
CA PRO A 89 3.17 24.93 17.89
CA GLU A 90 0.08 23.49 19.53
CA GLN A 91 -2.20 23.75 16.47
CA LEU A 92 0.49 22.07 14.38
CA ILE A 93 0.20 18.29 14.79
CA THR A 94 2.77 15.95 13.24
CA GLY A 95 3.60 12.26 13.38
CA LYS A 96 7.33 12.05 12.56
CA GLU A 97 6.46 8.52 11.52
CA ASP A 98 5.28 7.69 8.04
CA ALA A 99 2.66 9.18 5.74
CA ALA A 100 1.99 6.29 3.33
CA ASN A 101 -0.12 6.97 0.31
CA ASN A 102 -2.60 4.49 1.57
CA TYR A 103 -5.89 5.02 3.34
CA ALA A 104 -5.73 2.03 5.69
CA ARG A 105 -2.40 2.92 7.25
CA GLY A 106 -3.40 6.54 7.63
CA HIS A 107 -6.86 5.79 8.98
CA TYR A 108 -6.30 2.62 11.00
CA THR A 109 -2.74 1.57 11.89
CA ILE A 110 -0.67 4.74 12.01
CA GLY A 111 -3.09 7.65 11.70
CA LYS A 112 -4.80 6.26 14.81
CA GLU A 113 -2.00 7.06 17.23
CA ILE A 114 -2.27 10.79 16.48
CA ILE A 115 -6.04 11.26 16.33
CA ASP A 116 -6.54 11.57 20.11
CA LEU A 117 -3.99 14.35 20.24
CA VAL A 118 -5.50 15.83 17.08
CA LEU A 119 -8.98 15.84 18.57
CA ASP A 120 -7.67 17.34 21.78
CA ARG A 121 -6.91 20.55 19.90
CA ILE A 122 -10.27 20.66 18.13
CA ARG A 123 -11.73 20.26 21.63
CA LYS A 124 -9.26 22.65 23.24
CA LEU A 125 -9.70 25.20 20.43
CA ALA A 126 -13.43 24.44 20.31
CA ASP A 127 -13.82 25.32 23.96
CA GLN A 128 -11.90 28.59 24.12
CA CYS A 129 -14.34 30.20 21.65
CA THR A 130 -17.93 31.50 22.05
CA GLY A 131 -20.81 29.50 20.58
CA LEU A 132 -19.16 28.17 17.40
CA GLN A 133 -20.84 26.87 14.24
CA GLY A 134 -18.54 24.16 12.97
CA PHE A 135 -15.19 23.04 11.53
CA SER A 136 -14.12 23.84 7.99
CA VAL A 137 -12.04 20.72 7.24
CA PHE A 138 -9.35 20.82 4.51
CA HIS A 139 -8.25 17.50 3.00
CA SER A 140 -7.08 15.97 -0.27
CA PHE A 141 -9.32 12.98 -0.95
CA GLY A 142 -6.70 10.80 -2.61
CA GLY A 143 -3.86 10.79 -0.12
CA GLY A 144 -2.75 8.83 2.90
CA THR A 145 -2.95 11.39 5.69
CA GLY A 146 -5.66 13.21 3.82
CA SER A 147 -8.06 10.41 2.98
CA GLY A 148 -7.58 7.96 5.81
CA PHE A 149 -6.87 10.08 8.86
CA THR A 150 -9.60 12.66 8.33
CA SER A 151 -11.93 9.81 7.66
CA LEU A 152 -11.74 9.09 11.36
CA LEU A 153 -11.21 12.72 12.37
CA MET A 154 -14.50 13.81 10.85
CA GLU A 155 -15.64 10.46 12.15
CA ARG A 156 -14.81 11.28 15.75
CA LEU A 157 -16.36 14.78 15.26
CA SER A 158 -19.79 13.73 14.05
CA VAL A 159 -20.11 12.06 17.43
CA ASP A 160 -18.45 14.61 19.68
CA TYR A 161 -20.34 17.54 18.15
CA GLY A 162 -23.15 16.08 16.10
CA LYS A 163 -24.81 19.39 16.97
CA LYS A 164 -22.82 21.51 14.50
CA SER A 165 -21.71 22.00 10.92
CA LYS A 166 -19.22 19.73 9.21
CA LEU A 167 -18.36 21.32 5.92
CA GLU A 168 -15.34 19.58 4.49
CA PHE A 169 -13.51 21.32 1.70
CA SER A 170 -11.99 18.61 -0.52
CA ILE A 171 -9.67 18.47 -3.55
CA TYR A 172 -10.95 15.34 -5.19
CA PRO A 173 -8.89 13.27 -7.79
CA ALA A 174 -7.96 14.87 -11.12
CA PRO A 175 -10.14 13.18 -13.79
CA GLN A 176 -7.13 11.99 -15.83
CA VAL A 177 -4.17 13.68 -14.22
CA SER A 178 -4.08 11.84 -10.91
CA THR A 179 -0.84 11.38 -9.06
CA ALA A 180 -0.78 8.46 -6.63
CA VAL A 181 -1.09 5.11 -8.34
CA VAL A 182 -3.77 4.05 -5.91
CA GLU A 183 -5.64 7.39 -5.56
CA PRO A 184 -9.10 5.78 -6.05
CA TYR A 185 -8.52 3.27 -3.27
CA ASN A 186 -7.86 6.27 -1.06
CA SER A 187 -10.82 8.27 -2.37
CA ILE A 188 -13.53 5.68 -2.49
CA LEU A 189 -12.53 5.15 1.12
CA THR A 190 -12.54 8.71 2.32
CA THR A 191 -15.94 9.22 0.73
CA HIS A 192 -17.70 6.26 2.34
CA THR A 193 -16.30 6.88 5.79
CA THR A 194 -16.91 10.63 5.76
CA LEU A 195 -20.26 10.47 3.93
CA GLU A 196 -22.17 9.61 7.06
CA HIS A 197 -20.39 12.40 8.95
CA SER A 198 -20.13 15.59 6.89
CA ASP A 199 -22.69 18.35 6.54
CA CYS A 200 -21.65 19.78 3.18
CA ALA A 201 -18.55 18.74 1.27
CA PHE A 202 -17.14 21.40 -1.04
CA MET A 203 -15.19 20.14 -4.00
CA VAL A 204 -12.42 21.72 -6.03
CA ASP A 205 -10.88 19.63 -8.82
CA ASN A 206 -7.13 20.04 -9.09
CA GLU A 207 -7.01 19.50 -12.89
CA ALA A 208 -10.14 21.44 -13.83
CA ILE A 209 -8.45 24.35 -12.03
CA TYR A 210 -5.42 24.12 -14.30
CA ASP A 211 -7.66 24.69 -17.27
CA ILE A 212 -8.67 27.91 -15.62
CA CYS A 213 -4.95 28.74 -15.32
CA ARG A 214 -4.41 27.95 -18.98
CA ARG A 215 -7.68 29.25 -20.47
CA ASN A 216 -8.71 31.99 -18.06
CA LEU A 217 -5.47 33.56 -16.97
CA ASP A 218 -2.94 32.11 -19.38
CA ILE A 219 0.08 30.43 -17.79
CA GLU A 220 1.60 27.01 -18.44
CA ARG A 221 3.67 27.68 -15.33
CA PRO A 222 1.07 27.03 -12.60
CA THR A 223 2.83 26.09 -9.38
CA TYR A 224 0.80 24.26 -6.76
CA THR A 225 1.26 27.55 -4.94
CA ASN A 226 -1.24 28.96 -7.44
CA LEU A 227 -4.09 26.50 -7.38
CA ASN A 228 -3.83 27.15 -3.68
CA ARG A 229 -4.17 30.92 -4.21
CA LEU A 230 -7.26 30.14 -6.15
CA ILE A 231 -9.09 27.88 -3.77
CA GLY A 232 -7.44 30.26 -1.34
CA GLN A 233 -9.83 32.70 -3.00
CA ILE A 234 -13.05 30.74 -3.47
CA VAL A 235 -12.66 29.72 0.17
CA SER A 236 -12.25 33.31 1.30
CA SER A 237 -15.66 33.88 -0.18
CA ILE A 238 -17.13 31.09 1.89
CA THR A 239 -16.07 31.75 5.49
CA ALA A 240 -13.97 34.90 5.71
CA SER A 241 -16.28 37.46 4.08
CA LEU A 242 -19.54 35.66 4.72
CA ARG A 243 -19.02 35.38 8.47
CA PHE A 244 -18.36 39.07 7.81
CA ASP A 245 -21.32 41.54 7.90
CA GLY A 246 -23.05 42.43 4.67
CA ALA A 247 -26.29 43.28 2.87
CA LEU A 248 -27.40 39.65 2.73
CA ASN A 249 -25.42 37.58 5.27
CA VAL A 250 -25.24 33.81 4.98
CA ASP A 251 -24.33 31.68 8.02
CA LEU A 252 -22.51 28.34 7.68
CA THR A 253 -25.60 26.48 8.70
CA GLU A 254 -27.34 28.47 5.94
CA PHE A 255 -25.29 26.51 3.44
CA GLN A 256 -26.02 22.94 4.31
CA THR A 257 -29.66 24.04 4.70
CA ASN A 258 -30.01 25.90 1.42
CA LEU A 259 -27.43 23.57 -0.19
CA VAL A 260 -28.09 19.94 0.66
CA PRO A 261 -31.38 18.38 -0.35
CA TYR A 262 -30.42 15.08 1.23
CA PRO A 263 -28.42 13.69 4.20
CA ARG A 264 -25.68 12.30 1.97
CA GLY A 265 -22.92 14.77 2.96
CA HIS A 266 -23.65 16.13 -0.48
CA PHE A 267 -20.86 17.69 -2.36
CA PRO A 268 -21.43 20.98 -4.14
CA LEU A 269 -18.79 22.49 -6.50
CA ALA A 270 -16.87 25.76 -6.02
CA THR A 271 -16.77 28.36 -8.78
CA TYR A 272 -15.41 31.87 -8.95
CA ALA A 273 -16.30 34.61 -11.41
CA PRO A 274 -13.72 37.33 -12.02
CA VAL A 275 -10.90 34.93 -12.73
CA ILE A 276 -9.31 37.41 -15.08
CA SER A 277 -5.55 37.89 -15.47
CA ALA A 278 -3.85 40.84 -13.76
CA GLU A 279 -1.64 41.60 -16.72
CA LYS A 280 -3.01 40.39 -20.00
CA ALA A 281 -6.53 41.45 -20.78
CA TYR A 282 -8.35 44.21 -19.00
CA HIS A 283 -12.03 44.62 -19.17
CA GLU A 284 -12.10 44.21 -15.35
CA GLN A 285 -15.19 46.49 -15.09
CA LEU A 286 -17.47 43.60 -15.81
CA SER A 287 -20.79 44.52 -14.16
CA VAL A 288 -22.67 41.84 -12.29
CA ALA A 289 -24.74 40.94 -15.32
CA GLU A 290 -21.46 39.52 -16.66
CA ILE A 291 -19.63 37.90 -13.75
CA THR A 292 -22.73 35.84 -12.93
CA ASN A 293 -23.09 34.46 -16.39
CA ALA A 294 -19.40 33.56 -16.17
CA CYS A 295 -20.15 31.11 -13.42
CA PHE A 296 -22.37 28.72 -15.32
CA GLU A 297 -20.15 28.33 -18.35
CA PRO A 298 -18.44 25.03 -17.52
CA ALA A 299 -14.96 26.37 -18.24
CA ASN A 300 -14.67 28.15 -14.94
CA GLN A 301 -15.67 25.89 -12.13
CA MET A 302 -12.72 24.33 -10.38
CA VAL A 303 -14.12 20.89 -11.21
CA LYS A 304 -13.99 18.58 -14.24
CA CYS A 305 -17.69 17.93 -13.84
CA ASP A 306 -18.77 20.02 -16.83
CA PRO A 307 -22.60 20.27 -16.58
CA ARG A 308 -22.69 17.42 -19.10
CA HIS A 309 -26.28 16.86 -17.95
CA GLY A 310 -26.14 17.39 -14.23
CA LYS A 311 -29.12 19.52 -13.32
CA TYR A 312 -28.32 22.03 -10.63
CA MET A 313 -30.49 21.56 -7.57
CA ALA A 314 -29.34 24.47 -5.46
CA CYS A 315 -26.77 27.21 -5.88
CA CYS A 316 -25.47 29.65 -3.28
CA LEU A 317 -24.40 32.70 -5.18
CA LEU A 318 -22.05 34.46 -2.82
CA TYR A 319 -21.30 37.93 -4.13
CA ARG A 320 -18.87 40.39 -2.64
CA GLY A 321 -18.01 43.98 -3.47
CA ASP A 322 -20.22 46.65 -5.05
CA VAL A 323 -23.44 44.84 -5.97
CA VAL A 324 -27.02 46.19 -6.19
CA PRO A 325 -29.53 43.58 -4.99
CA LYS A 326 -31.70 44.34 -8.01
CA ASP A 327 -28.73 43.75 -10.28
CA VAL A 328 -28.68 40.29 -8.76
CA ASN A 329 -32.43 39.85 -8.40
CA ALA A 330 -32.39 40.26 -12.19
CA ALA A 331 -29.11 38.81 -13.35
CA ILE A 332 -30.35 35.65 -11.69
CA ALA A 333 -33.85 36.10 -13.11
CA THR A 334 -32.37 36.21 -16.60
CA ILE A 335 -30.61 32.94 -15.76
CA LYS A 336 -33.65 31.22 -14.26
CA THR A 337 -35.07 31.55 -17.76
CA LYS A 338 -32.17 30.36 -19.91
CA ARG A 339 -33.54 26.81 -19.61
CA THR A 340 -30.40 25.36 -21.19
CA ILE A 341 -29.32 25.67 -17.53
CA GLN A 342 -32.09 23.24 -16.51
CA PHE A 343 -32.59 23.10 -12.71
CA VAL A 344 -34.07 20.09 -11.00
CA ASP A 345 -37.83 19.53 -11.13
CA TRP A 346 -38.71 19.23 -7.46
CA CYS A 347 -36.98 22.53 -7.07
CA PRO A 348 -38.87 25.72 -7.93
CA THR A 349 -36.23 28.18 -6.88
CA GLY A 350 -32.76 27.11 -5.81
CA PHE A 351 -30.77 30.33 -5.65
CA LYS A 352 -29.38 31.49 -2.32
CA VAL A 353 -28.18 35.03 -2.97
CA GLY A 354 -25.40 35.91 -0.55
CA ILE A 355 -24.25 39.53 -0.69
CA ASN A 356 -21.19 40.82 1.11
CA TYR A 357 -19.73 44.32 1.07
CA GLU A 358 -15.92 44.36 1.02
CA PRO A 359 -14.75 43.50 -2.55
CA PRO A 360 -12.30 40.56 -3.02
CA THR A 361 -8.62 40.90 -2.11
CA VAL A 362 -6.05 39.66 -4.56
CA VAL A 363 -2.47 38.75 -3.73
CA PRO A 364 -0.30 41.91 -4.12
CA GLY A 365 1.42 40.47 -7.17
CA GLY A 366 0.40 36.92 -7.97
CA ASP A 367 -1.61 36.68 -11.19
CA LEU A 368 -5.19 37.35 -10.07
CA ALA A 369 -6.78 40.34 -11.83
CA LYS A 370 -8.25 42.25 -8.85
CA VAL A 371 -11.80 43.33 -9.64
CA GLN A 372 -14.27 45.22 -7.45
CA ARG A 373 -16.82 42.43 -7.28
CA ALA A 374 -16.88 38.65 -7.65
CA VAL A 375 -19.20 35.63 -7.58
CA CYS A 376 -18.15 32.51 -5.67
CA MET A 377 -21.06 30.32 -6.57
CA LEU A 378 -21.12 26.81 -5.29
CA SER A 379 -23.77 24.19 -5.92
CA ASN A 380 -25.02 20.63 -5.92
CA THR A 381 -25.27 19.41 -9.50
CA THR A 382 -26.56 16.05 -10.68
CA ALA A 383 -23.35 16.41 -12.62
CA ILE A 384 -21.11 14.72 -10.13
CA ALA A 385 -23.12 11.61 -11.06
CA GLU A 386 -20.25 11.59 -13.52
CA ALA A 387 -17.16 12.49 -11.48
CA TRP A 388 -18.09 9.84 -8.90
CA ALA A 389 -18.83 7.31 -11.61
CA ARG A 390 -15.51 7.84 -13.40
CA LEU A 391 -13.73 7.58 -10.05
CA ASP A 392 -15.56 4.51 -8.92
CA HIS A 393 -14.88 2.63 -12.14
CA LYS A 394 -11.16 3.36 -11.62
CA PHE A 395 -11.30 1.60 -8.26
CA ASP A 396 -12.88 -1.58 -9.62
CA LEU A 397 -10.32 -2.04 -12.32
CA MET A 398 -7.63 -2.32 -9.66
CA TYR A 399 -9.64 -4.02 -6.96
CA ALA A 400 -10.66 -6.41 -9.68
CA LYS A 401 -7.03 -7.58 -9.42
CA ARG A 402 -6.41 -6.60 -5.82
CA ALA A 403 -3.59 -4.44 -7.13
CA PHE A 404 -2.12 -2.65 -4.11
CA VAL A 405 -4.45 -4.41 -1.73
CA HIS A 406 -1.78 -6.14 0.29
CA TRP A 407 -0.73 -2.66 1.32
CA TYR A 408 -3.87 -2.01 3.25
CA VAL A 409 -4.71 -5.45 4.55
CA GLY A 410 -1.31 -5.53 6.17
CA GLU A 411 -2.44 -2.29 7.74
CA GLY A 412 -5.55 -3.33 9.62
CA MET A 413 -8.24 -3.40 6.94
CA GLU A 414 -10.00 -6.24 5.21
CA GLU A 415 -11.71 -7.42 2.05
CA GLY A 416 -14.63 -5.98 3.93
CA GLU A 417 -13.79 -2.30 4.10
CA PHE A 418 -13.01 -2.24 0.39
CA SER A 419 -15.87 -4.29 -1.02
CA GLU A 420 -18.19 -2.79 1.54
CA ALA A 421 -17.16 0.80 0.73
CA ARG A 422 -17.54 0.10 -2.93
CA GLU A 423 -21.15 -0.99 -2.41
CA ASP A 424 -21.32 2.24 -0.41
CA MET A 425 -20.57 4.60 -3.25
CA ALA A 426 -22.62 2.38 -5.56
CA ALA A 427 -25.70 3.85 -3.82
CA LEU A 428 -24.13 7.27 -4.35
CA GLU A 429 -24.22 6.68 -8.09
CA LYS A 430 -27.89 5.74 -7.74
CA ASP A 431 -28.56 8.52 -5.27
CA TYR A 432 -27.15 11.31 -7.43
CA GLU A 433 -29.12 9.67 -10.24
CA GLU A 434 -32.51 9.38 -8.55
CA VAL A 435 -32.56 12.86 -6.98
CA GLY A 436 -32.46 13.99 -10.59
CA VAL A 437 -32.92 12.87 -14.21
CA ASP A 438 -36.44 11.98 -13.02
CA SER A 439 -39.65 13.93 -12.37
CA ARG B 2 13.00 9.49 9.24
CA GLU B 3 16.15 7.44 8.48
CA ILE B 4 17.89 4.63 6.54
CA VAL B 5 21.13 2.62 6.85
CA HIS B 6 23.06 1.84 3.69
CA ILE B 7 24.66 -1.58 3.22
CA GLN B 8 27.80 -2.14 1.04
CA ALA B 9 27.71 -5.92 0.50
CA GLY B 10 30.62 -7.46 -1.39
CA GLN B 11 33.25 -5.60 -3.43
CA CYS B 12 30.99 -4.19 -6.09
CA GLY B 13 28.31 -3.14 -3.69
CA ASN B 14 31.28 -1.72 -1.86
CA GLN B 15 33.08 -0.04 -4.78
CA ILE B 16 29.73 1.62 -5.46
CA GLY B 17 29.44 2.59 -1.82
CA ALA B 18 32.41 4.82 -2.43
CA LYS B 19 30.58 6.40 -5.35
CA PHE B 20 27.19 6.57 -3.70
CA TRP B 21 28.79 8.32 -0.78
CA GLU B 22 31.16 10.29 -2.96
CA VAL B 23 28.07 11.87 -4.45
CA ILE B 24 25.47 12.04 -1.70
CA SER B 25 27.99 13.82 0.55
CA ASP B 26 28.53 16.67 -1.93
CA GLU B 27 24.73 16.63 -2.26
CA HIS B 28 24.90 17.33 1.46
CA GLY B 29 28.12 19.34 1.82
CA ILE B 30 30.00 16.77 3.88
CA ASP B 31 33.76 16.83 3.25
CA PRO B 32 35.87 13.71 3.98
CA THR B 33 35.81 14.01 7.78
CA GLY B 34 34.70 17.63 7.62
CA SER B 35 31.16 18.74 8.38
CA TYR B 36 28.42 20.58 6.57
CA HIS B 37 29.97 23.15 4.21
CA GLY B 38 26.60 23.11 2.46
CA ASP B 39 26.28 25.89 -0.05
CA SER B 40 22.77 26.15 1.37
CA ASP B 41 21.00 25.49 4.68
CA LEU B 42 18.44 22.99 3.39
CA GLN B 43 20.97 20.20 2.75
CA LEU B 44 21.05 19.74 6.51
CA GLU B 45 17.58 19.72 8.06
CA ARG B 46 17.11 16.18 6.78
CA ILE B 47 20.63 14.70 6.61
CA ASN B 48 20.00 12.42 9.58
CA VAL B 49 18.57 9.98 7.05
CA TYR B 50 22.20 9.00 6.32
CA TYR B 51 24.42 10.22 9.17
CA ASN B 52 24.95 10.50 12.94
CA GLU B 53 25.82 13.28 15.38
CA ALA B 54 28.94 12.72 17.52
CA ALA B 55 31.52 15.48 17.36
CA GLY B 56 29.87 18.50 15.73
CA ASN B 57 31.66 18.54 12.38
CA LYS B 58 31.72 14.79 11.98
CA TYR B 59 28.45 13.49 10.56
CA VAL B 60 29.43 9.91 9.77
CA PRO B 61 27.71 7.91 7.05
CA ARG B 62 25.50 5.27 8.61
CA ALA B 63 26.20 2.38 6.27
CA ILE B 64 27.72 -1.07 6.59
CA LEU B 65 30.74 -2.41 4.71
CA VAL B 66 30.50 -6.17 4.42
CA ASP B 67 33.19 -8.11 2.55
CA LEU B 68 35.36 -11.25 2.85
CA GLU B 69 38.22 -9.74 0.84
CA PRO B 70 40.35 -7.30 2.79
CA GLY B 71 42.11 -5.57 -0.15
CA THR B 72 38.76 -4.19 -1.29
CA MET B 73 37.55 -2.30 1.78
CA ASP B 74 41.25 -1.53 2.22
CA SER B 75 41.13 0.35 -1.09
CA VAL B 76 37.91 2.13 -0.25
CA ARG B 77 39.27 2.99 3.18
CA SER B 78 42.70 4.02 1.82
CA GLY B 79 41.53 6.42 -0.88
CA PRO B 80 39.37 9.60 -1.02
CA PHE B 81 36.29 9.76 1.23
CA GLY B 82 37.46 6.43 2.60
CA GLN B 83 38.30 7.99 5.96
CA ILE B 84 34.78 9.08 6.96
CA PHE B 85 33.34 5.70 7.89
CA ARG B 86 33.78 4.89 11.58
CA PRO B 87 35.99 1.74 11.63
CA ASP B 88 33.17 0.02 13.49
CA ASN B 89 31.39 0.03 10.09
CA PHE B 90 33.97 -2.24 8.45
CA VAL B 91 32.72 -5.79 8.90
CA PHE B 92 35.47 -7.64 7.07
CA GLY B 93 36.07 -11.35 6.65
CA GLN B 94 39.78 -11.89 6.01
CA SER B 95 38.81 -15.44 5.05
CA GLY B 96 39.02 -16.57 1.44
CA ALA B 97 36.33 -14.42 -0.20
CA GLY B 98 35.84 -17.21 -2.75
CA ASN B 99 33.59 -16.38 -5.69
CA ASN B 100 31.03 -18.87 -4.45
CA TRP B 101 27.50 -17.87 -3.44
CA ALA B 102 27.67 -20.84 -1.16
CA LYS B 103 30.97 -19.73 0.29
CA GLY B 104 29.59 -16.38 1.39
CA HIS B 105 26.12 -17.49 2.40
CA TYR B 106 26.57 -20.81 4.21
CA THR B 107 30.16 -21.42 5.11
CA GLU B 108 32.30 -18.36 5.20
CA GLY B 109 29.77 -15.54 5.36
CA ALA B 110 27.51 -17.25 7.86
CA GLU B 111 30.19 -16.68 10.47
CA LEU B 112 30.82 -13.01 9.78
CA VAL B 113 27.06 -12.42 9.85
CA ASP B 114 26.51 -12.16 13.60
CA SER B 115 29.35 -9.62 13.79
CA VAL B 116 27.41 -7.67 11.16
CA LEU B 117 23.85 -7.88 12.49
CA ASP B 118 25.47 -6.62 15.68
CA VAL B 119 26.27 -3.34 14.00
CA VAL B 120 23.19 -3.21 11.76
CA ARG B 121 21.44 -3.01 15.16
CA LYS B 122 23.83 -0.47 16.63
CA GLU B 123 22.95 1.73 13.64
CA SER B 124 19.24 0.96 13.59
CA GLU B 125 18.87 1.74 17.28
CA SER B 126 20.75 4.94 16.53
CA CYS B 127 17.92 7.40 17.04
CA ASP B 128 14.59 8.83 15.87
CA CYS B 129 12.62 6.52 13.59
CA LEU B 130 14.04 4.07 11.07
CA GLN B 131 12.55 3.89 7.57
CA GLY B 132 14.58 1.14 5.84
CA PHE B 133 18.00 0.04 4.61
CA GLN B 134 19.78 0.59 1.28
CA LEU B 135 21.58 -2.45 -0.12
CA THR B 136 24.24 -2.41 -2.83
CA HIS B 137 25.88 -5.48 -4.32
CA SER B 138 26.30 -7.66 -7.38
CA LEU B 139 24.48 -10.90 -7.96
CA GLY B 140 27.56 -12.38 -9.59
CA GLY B 141 29.91 -13.30 -6.76
CA GLY B 142 30.35 -14.50 -3.20
CA THR B 143 30.40 -11.54 -0.83
CA GLY B 144 27.75 -10.00 -3.02
CA SER B 145 24.94 -12.38 -3.83
CA GLY B 146 25.51 -14.89 -1.05
CA MET B 147 26.61 -12.97 2.02
CA GLY B 148 24.66 -9.83 1.15
CA THR B 149 21.59 -11.86 0.34
CA LEU B 150 21.93 -13.30 3.81
CA LEU B 151 22.38 -9.94 5.46
CA ILE B 152 18.91 -9.10 4.29
CA SER B 153 17.21 -12.39 5.10
CA LYS B 154 18.30 -11.55 8.65
CA ILE B 155 17.44 -7.86 8.44
CA ARG B 156 13.90 -8.77 7.25
CA GLU B 157 13.41 -10.95 10.33
CA GLU B 158 14.58 -8.22 12.65
CA TYR B 159 12.38 -5.43 11.33
CA PRO B 160 9.70 -6.73 8.94
CA ASP B 161 8.39 -3.18 9.32
CA ARG B 162 11.17 -1.00 7.98
CA ILE B 163 11.61 -1.16 4.19
CA MET B 164 14.37 -2.73 2.08
CA ASN B 165 15.55 -1.17 -1.15
CA THR B 166 17.96 -3.33 -3.03
CA PHE B 167 20.37 -2.09 -5.68
CA SER B 168 21.48 -5.18 -7.60
CA VAL B 169 23.93 -5.34 -10.46
CA VAL B 170 22.20 -8.18 -12.28
CA PRO B 171 24.62 -10.13 -14.57
CA SER B 172 24.99 -8.18 -17.79
CA PRO B 173 24.14 -10.14 -20.95
CA LYS B 174 26.62 -9.85 -23.87
CA VAL B 175 29.62 -10.66 -21.63
CA SER B 176 29.74 -12.02 -18.09
CA ASP B 177 32.45 -10.61 -15.84
CA THR B 178 32.50 -13.97 -14.09
CA VAL B 179 31.81 -17.60 -15.01
CA VAL B 180 29.40 -19.12 -12.54
CA GLU B 181 27.55 -15.80 -12.61
CA PRO B 182 24.08 -17.41 -13.13
CA TYR B 183 24.85 -19.58 -10.11
CA ASN B 184 25.70 -16.71 -7.79
CA ALA B 185 22.80 -14.82 -9.41
CA THR B 186 19.86 -17.15 -9.59
CA LEU B 187 20.68 -17.91 -5.96
CA SER B 188 20.59 -14.30 -4.84
CA VAL B 189 17.52 -13.15 -6.82
CA HIS B 190 15.76 -16.01 -5.06
CA GLN B 191 16.57 -14.40 -1.64
CA LEU B 192 15.57 -10.99 -3.02
CA VAL B 193 12.07 -11.93 -4.33
CA GLU B 194 11.45 -12.87 -0.75
CA ASN B 195 12.89 -10.29 1.59
CA THR B 196 13.68 -6.80 0.18
CA ASP B 197 10.57 -4.99 -1.16
CA GLU B 198 12.13 -2.59 -3.71
CA THR B 199 14.98 -3.62 -6.01
CA TYR B 200 16.76 -1.42 -8.53
CA CYS B 201 18.61 -3.63 -11.07
CA ILE B 202 21.51 -2.05 -12.90
CA ASP B 203 23.52 -3.57 -15.80
CA ASN B 204 27.18 -2.76 -16.31
CA GLU B 205 26.55 -2.90 -20.09
CA ALA B 206 23.24 -1.05 -20.10
CA LEU B 207 25.38 1.63 -18.48
CA TYR B 208 28.27 1.48 -20.88
CA ASP B 209 25.81 1.99 -23.71
CA ILE B 210 23.94 4.74 -21.90
CA CYS B 211 27.37 6.06 -20.94
CA PHE B 212 29.16 5.82 -24.28
CA ARG B 213 26.36 7.06 -26.54
CA THR B 214 24.30 9.25 -24.18
CA LEU B 215 27.56 10.69 -22.88
CA LYS B 216 29.97 10.69 -25.82
CA LEU B 217 32.27 9.38 -23.05
CA THR B 218 34.89 7.22 -24.82
CA THR B 219 36.65 5.72 -21.77
CA PRO B 220 33.88 4.85 -19.31
CA THR B 221 35.86 3.61 -16.35
CA TYR B 222 34.03 1.71 -13.62
CA GLY B 223 34.19 4.76 -11.39
CA ASP B 224 31.91 6.32 -13.98
CA LEU B 225 29.29 3.58 -14.26
CA ASN B 226 29.22 3.55 -10.47
CA HIS B 227 28.97 7.31 -10.49
CA LEU B 228 25.99 7.25 -12.86
CA VAL B 229 24.21 4.64 -10.76
CA SER B 230 24.88 6.48 -7.49
CA ALA B 231 23.30 9.45 -9.26
CA THR B 232 19.97 7.61 -9.45
CA MET B 233 19.94 6.21 -5.91
CA SER B 234 20.42 9.81 -4.73
CA GLY B 235 17.39 11.01 -6.68
CA VAL B 236 15.37 8.20 -5.14
CA THR B 237 15.99 8.31 -1.40
CA THR B 238 17.89 11.34 -0.10
CA CYS B 239 16.06 13.47 -2.64
CA LEU B 240 12.54 12.77 -1.42
CA ARG B 241 13.82 13.52 2.05
CA PHE B 242 13.74 17.07 0.78
CA PRO B 243 10.73 19.39 0.52
CA GLY B 244 8.50 19.41 -2.54
CA GLN B 245 5.13 20.54 -3.84
CA LEU B 246 4.35 16.84 -3.90
CA ASN B 247 6.89 14.76 -2.05
CA ALA B 248 6.98 11.06 -1.46
CA ASP B 249 9.32 8.74 0.47
CA LEU B 250 10.44 5.11 0.16
CA ARG B 251 7.02 3.93 1.19
CA LYS B 252 4.99 6.13 -1.20
CA LEU B 253 7.46 4.82 -3.76
CA ALA B 254 6.84 1.36 -2.46
CA VAL B 255 3.11 1.70 -1.84
CA ASN B 256 2.59 3.06 -5.36
CA MET B 257 4.91 0.78 -7.20
CA VAL B 258 4.31 -2.70 -6.00
CA PRO B 259 0.95 -4.08 -7.06
CA PHE B 260 1.85 -7.60 -6.04
CA PRO B 261 4.02 -8.68 -3.01
CA ARG B 262 6.76 -10.43 -5.02
CA LEU B 263 8.70 -7.24 -4.30
CA HIS B 264 9.19 -6.63 -7.96
CA PHE B 265 12.26 -5.05 -9.41
CA PHE B 266 12.48 -1.71 -11.09
CA MET B 267 14.82 -0.06 -13.53
CA PRO B 268 16.14 3.40 -12.64
CA GLY B 269 16.70 6.19 -15.15
CA PHE B 270 18.18 9.64 -14.63
CA ALA B 271 16.97 12.80 -16.37
CA PRO B 272 19.52 15.27 -17.68
CA LEU B 273 21.95 12.88 -19.25
CA THR B 274 23.74 15.11 -21.72
CA SER B 275 27.44 15.08 -22.70
CA ARG B 276 29.53 17.81 -21.06
CA GLY B 277 30.40 20.86 -23.19
CA SER B 278 28.32 20.89 -26.40
CA GLN B 279 25.16 18.95 -25.61
CA GLN B 280 24.63 21.38 -22.64
CA TYR B 281 21.53 22.21 -24.57
CA ARG B 282 19.50 23.00 -21.51
CA ALA B 283 16.55 21.53 -23.37
CA LEU B 284 15.30 20.66 -19.92
CA THR B 285 12.05 22.66 -19.88
CA VAL B 286 10.44 19.29 -18.88
CA PRO B 287 9.12 17.62 -22.00
CA GLU B 288 12.80 17.06 -22.46
CA LEU B 289 13.14 15.14 -19.22
CA THR B 290 10.17 12.89 -19.90
CA GLN B 291 11.48 12.58 -23.42
CA GLN B 292 14.65 11.27 -21.80
CA MET B 293 13.48 9.05 -18.92
CA PHE B 294 10.84 7.28 -21.00
CA ASP B 295 12.95 6.24 -23.99
CA ALA B 296 14.37 2.73 -24.35
CA LYS B 297 18.04 3.54 -24.05
CA ASN B 298 18.54 5.42 -20.79
CA MET B 299 17.09 2.61 -18.72
CA MET B 300 19.94 1.38 -16.52
CA ALA B 301 18.35 -2.03 -16.96
CA ALA B 302 19.39 -4.29 -19.82
CA CYS B 303 15.96 -4.98 -21.14
CA ASP B 304 14.02 -2.42 -23.11
CA PRO B 305 10.66 -1.15 -21.77
CA ARG B 306 9.36 -1.11 -25.32
CA HIS B 307 9.41 -4.90 -24.88
CA GLY B 308 6.76 -5.07 -22.17
CA ARG B 309 4.07 -3.02 -20.40
CA TYR B 310 4.63 -1.14 -17.18
CA LEU B 311 2.78 -1.63 -13.92
CA THR B 312 4.00 1.48 -12.23
CA VAL B 313 6.27 4.37 -12.86
CA ALA B 314 7.62 7.01 -10.53
CA ALA B 315 9.08 10.13 -12.00
CA VAL B 316 10.73 11.50 -8.94
CA PHE B 317 11.59 15.00 -10.26
CA ARG B 318 13.70 17.39 -8.17
CA GLY B 319 13.91 20.95 -9.50
CA ARG B 320 11.37 23.82 -9.55
CA MET B 321 8.64 23.10 -12.15
CA SER B 322 4.92 23.49 -12.80
CA MET B 323 2.75 20.88 -11.17
CA LYS B 324 0.87 21.49 -14.38
CA GLU B 325 3.60 20.92 -16.97
CA VAL B 326 4.55 17.88 -14.91
CA ASP B 327 1.18 16.42 -14.17
CA GLU B 328 0.28 17.17 -17.77
CA GLN B 329 3.21 15.72 -19.70
CA MET B 330 2.89 12.46 -17.76
CA LEU B 331 -0.53 12.13 -19.34
CA ASN B 332 0.22 12.45 -23.04
CA VAL B 333 3.03 10.06 -22.27
CA GLN B 334 0.41 7.70 -20.84
CA ASN B 335 -1.67 8.07 -23.98
CA LYS B 336 0.95 8.08 -26.75
CA ASN B 337 2.02 4.72 -25.34
CA SER B 338 -1.28 3.31 -24.08
CA SER B 339 -0.04 0.21 -25.86
CA TYR B 340 2.62 -0.51 -23.26
CA PHE B 341 1.59 0.79 -19.89
CA VAL B 342 -0.88 -1.88 -18.72
CA GLU B 343 -4.54 -0.91 -18.38
CA TRP B 344 -5.95 -2.19 -15.10
CA ILE B 345 -4.23 0.79 -13.51
CA PRO B 346 -5.90 4.00 -14.64
CA ASN B 347 -2.84 6.07 -13.63
CA ASN B 348 0.29 3.92 -13.66
CA VAL B 349 2.50 6.91 -13.22
CA LYS B 350 3.34 8.24 -9.77
CA THR B 351 4.41 11.83 -10.20
CA ALA B 352 6.69 12.99 -7.43
CA VAL B 353 8.15 16.46 -7.10
CA CYS B 354 10.97 17.68 -4.91
CA ASP B 355 12.21 21.27 -5.06
CA ILE B 356 15.97 21.58 -4.74
CA PRO B 357 17.69 19.87 -7.71
CA PRO B 358 21.01 18.04 -8.07
CA ARG B 359 23.47 20.57 -6.64
CA GLY B 360 24.87 21.89 -9.93
CA LEU B 361 21.87 21.25 -12.19
CA LYS B 362 18.67 23.22 -12.87
CA MET B 363 16.23 20.36 -13.29
CA SER B 364 16.39 16.55 -13.02
CA ALA B 365 14.01 13.62 -12.46
CA THR B 366 14.77 10.10 -11.32
CA PHE B 367 12.74 7.36 -12.99
CA ILE B 368 11.82 4.18 -11.22
CA GLY B 369 10.02 1.87 -13.58
CA ASN B 370 8.24 -1.33 -12.66
CA SER B 371 7.91 -2.74 -16.14
CA THR B 372 7.01 -6.28 -17.10
CA ALA B 373 9.94 -6.05 -19.46
CA ILE B 374 12.31 -7.18 -16.77
CA GLN B 375 10.81 -10.56 -17.43
CA GLU B 376 13.26 -10.84 -20.31
CA LEU B 377 16.21 -10.73 -17.93
CA PHE B 378 15.43 -13.22 -15.25
CA LYS B 379 14.69 -15.36 -18.28
CA ARG B 380 18.23 -14.77 -19.44
CA ILE B 381 19.74 -15.53 -16.06
CA SER B 382 17.47 -18.52 -15.56
CA GLU B 383 18.50 -19.84 -18.97
CA GLN B 384 22.25 -19.62 -18.32
CA PHE B 385 21.62 -21.61 -15.17
CA THR B 386 19.88 -24.61 -16.68
CA ALA B 387 22.28 -24.77 -19.65
CA MET B 388 25.04 -25.24 -17.10
CA PHE B 389 23.19 -26.69 -14.21
CA ARG B 390 22.18 -29.54 -16.47
CA ARG B 391 25.86 -30.54 -16.44
CA LYS B 392 26.49 -29.41 -12.84
CA ALA B 393 29.33 -27.32 -14.29
CA PHE B 394 31.15 -25.63 -11.45
CA LEU B 395 28.86 -27.16 -8.91
CA HIS B 396 31.50 -28.93 -6.83
CA TRP B 397 32.64 -25.50 -5.58
CA TYR B 398 29.22 -25.07 -4.07
CA THR B 399 28.37 -28.50 -2.70
CA GLY B 400 31.95 -28.99 -1.52
CA GLU B 401 31.17 -25.93 0.56
CA GLY B 402 28.20 -27.56 2.21
CA MET B 403 25.37 -26.85 -0.19
CA ASP B 404 22.50 -28.90 -1.61
CA GLU B 405 21.55 -30.24 -5.05
CA MET B 406 18.03 -29.22 -4.11
CA GLU B 407 19.13 -25.68 -3.18
CA PHE B 408 19.98 -24.77 -6.75
CA THR B 409 16.79 -26.44 -7.90
CA GLU B 410 14.87 -24.31 -5.46
CA ALA B 411 16.22 -20.94 -6.51
CA GLU B 412 15.99 -21.45 -10.24
CA SER B 413 12.40 -22.61 -9.97
CA ASN B 414 11.46 -19.80 -7.60
CA MET B 415 13.15 -17.10 -9.61
CA ASN B 416 12.01 -18.99 -12.72
CA ASP B 417 8.37 -18.83 -11.58
CA LEU B 418 9.02 -15.17 -10.84
CA VAL B 419 9.39 -14.78 -14.63
CA SER B 420 6.10 -16.50 -15.16
CA GLU B 421 4.04 -14.27 -12.87
CA TYR B 422 5.45 -11.03 -14.31
CA GLN B 423 3.94 -12.11 -17.66
CA GLN B 424 0.54 -12.48 -16.01
CA TYR B 425 0.28 -8.70 -16.34
CA GLN B 426 2.02 -8.15 -19.67
CA ASP B 427 -1.23 -9.87 -20.71
CA ASN C 6 -13.09 -39.43 -11.85
CA GLU C 7 -12.28 -35.98 -10.63
CA CYS C 8 -13.37 -35.12 -7.16
CA SER C 9 -14.37 -31.64 -6.19
CA ILE C 10 -13.59 -29.68 -3.10
CA LYS C 11 -16.43 -30.31 -0.74
CA VAL C 12 -17.66 -27.63 1.57
CA LEU C 13 -20.22 -27.82 4.31
CA CYS C 14 -21.68 -24.79 5.99
CA ARG C 15 -22.26 -24.83 9.71
CA PHE C 16 -24.00 -22.64 12.21
CA ARG C 17 -23.92 -21.62 15.83
CA PRO C 18 -26.50 -21.24 18.44
CA LEU C 19 -26.49 -17.52 19.02
CA ASN C 20 -24.28 -16.29 21.76
CA GLN C 21 -25.50 -14.35 24.69
CA ALA C 22 -24.17 -11.08 23.38
CA GLU C 23 -26.19 -12.14 20.43
CA ILE C 24 -29.49 -12.87 22.10
CA LEU C 25 -28.73 -9.90 24.32
CA ARG C 26 -28.94 -7.58 21.37
CA GLY C 27 -30.44 -6.23 19.30
CA ASP C 28 -29.34 -8.85 16.86
CA LYS C 29 -31.57 -10.98 14.74
CA PHE C 30 -31.56 -14.11 12.67
CA ILE C 31 -30.52 -12.79 9.33
CA PRO C 32 -30.04 -16.28 7.90
CA ILE C 33 -33.03 -18.46 7.33
CA PHE C 34 -33.12 -22.17 7.04
CA GLN C 35 -35.15 -24.02 4.47
CA GLY C 36 -34.28 -27.66 4.70
CA ASP C 37 -31.01 -28.60 6.24
CA ASP C 38 -29.78 -28.17 2.74
CA SER C 39 -30.16 -24.54 2.16
CA VAL C 40 -30.21 -21.31 4.03
CA VAL C 41 -31.90 -18.47 2.24
CA ILE C 42 -29.83 -15.39 2.31
CA GLY C 43 -31.01 -11.93 1.69
CA GLY C 44 -31.87 -11.79 -1.95
CA LYS C 45 -30.62 -15.20 -2.98
CA PRO C 46 -31.14 -18.52 -1.42
CA TYR C 47 -27.85 -20.22 -0.74
CA VAL C 48 -27.30 -23.93 -1.00
CA PHE C 49 -24.55 -26.22 0.01
CA ASP C 50 -23.62 -29.85 0.02
CA ARG C 51 -24.24 -30.35 3.66
CA VAL C 52 -24.92 -27.56 6.08
CA PHE C 53 -25.60 -27.69 9.80
CA PRO C 54 -28.72 -25.97 11.01
CA PRO C 55 -28.40 -23.86 14.09
CA ASN C 56 -28.92 -26.85 16.28
CA THR C 57 -26.05 -29.18 15.69
CA THR C 58 -23.48 -30.49 18.08
CA GLN C 59 -20.01 -31.94 17.55
CA GLU C 60 -21.06 -35.54 17.82
CA GLN C 61 -23.98 -34.79 15.64
CA VAL C 62 -22.01 -32.95 13.03
CA TYR C 63 -19.65 -35.90 13.35
CA HIS C 64 -21.99 -38.72 12.58
CA ALA C 65 -23.19 -36.68 9.70
CA CYS C 66 -19.90 -35.46 8.41
CA ALA C 67 -17.37 -38.19 8.03
CA MET C 68 -17.30 -41.61 9.39
CA GLN C 69 -15.66 -41.61 6.03
CA ILE C 70 -12.55 -39.87 7.12
CA VAL C 71 -11.33 -42.88 8.97
CA LYS C 72 -11.95 -45.34 6.22
CA ASP C 73 -10.21 -42.44 4.58
CA VAL C 74 -7.13 -42.71 6.75
CA LEU C 75 -7.15 -46.48 6.91
CA ALA C 76 -6.87 -46.10 3.17
CA GLY C 77 -3.84 -43.95 3.61
CA TYR C 78 -4.48 -41.14 1.24
CA ASN C 79 -4.89 -37.46 1.35
CA GLY C 80 -7.61 -35.30 2.81
CA THR C 81 -7.30 -32.12 4.77
CA ILE C 82 -10.18 -30.57 6.61
CA PHE C 83 -10.03 -27.02 7.85
CA ALA C 84 -12.39 -24.52 9.29
CA TYR C 85 -13.12 -21.22 7.66
CA GLY C 86 -15.62 -18.67 8.79
CA GLN C 87 -15.48 -15.47 10.72
CA THR C 88 -14.82 -15.32 14.40
CA SER C 89 -17.49 -16.61 16.72
CA SER C 90 -18.69 -18.68 13.80
CA GLY C 91 -17.19 -21.40 15.86
CA LYS C 92 -14.32 -23.08 14.14
CA THR C 93 -12.52 -23.51 17.42
CA HIS C 94 -15.82 -24.68 18.70
CA THR C 95 -16.11 -27.21 15.91
CA MET C 96 -12.62 -28.45 15.43
CA GLU C 97 -11.41 -28.25 18.97
CA GLY C 98 -14.43 -29.10 21.03
CA LYS C 99 -14.00 -30.60 24.45
CA LEU C 100 -10.87 -32.64 24.16
CA HIS C 101 -11.75 -34.10 27.48
CA ASP C 102 -15.45 -34.66 27.12
CA PRO C 103 -15.92 -37.38 24.63
CA GLN C 104 -19.13 -36.25 22.99
CA LEU C 105 -18.15 -32.63 23.10
CA MET C 106 -15.08 -33.74 21.21
CA GLY C 107 -15.41 -32.84 17.57
CA ILE C 108 -15.39 -34.86 14.38
CA ILE C 109 -11.65 -35.01 13.99
CA PRO C 110 -10.93 -35.84 17.64
CA ARG C 111 -12.93 -38.96 16.99
CA ILE C 112 -11.53 -40.13 13.67
CA ALA C 113 -8.23 -40.06 15.51
CA ARG C 114 -9.25 -42.57 18.13
CA ASP C 115 -11.27 -44.25 15.48
CA ILE C 116 -8.54 -45.02 13.01
CA PHE C 117 -6.36 -46.78 15.55
CA ASN C 118 -9.36 -48.80 16.59
CA HIS C 119 -9.76 -50.11 13.11
CA ILE C 120 -6.03 -50.50 12.76
CA TYR C 121 -6.14 -53.27 15.32
CA SER C 122 -9.35 -54.85 14.00
CA MET C 123 -8.14 -54.57 10.49
CA ASP C 124 -5.41 -56.38 8.76
CA GLU C 125 -2.79 -56.03 11.43
CA ASN C 126 -0.47 -57.90 9.19
CA LEU C 127 -0.40 -54.63 7.36
CA GLU C 128 2.55 -52.97 9.03
CA PHE C 129 1.66 -49.39 9.71
CA HIS C 130 3.93 -46.71 11.02
CA ILE C 131 2.07 -43.51 11.67
CA LYS C 132 3.67 -40.07 11.50
CA VAL C 133 2.36 -37.21 13.55
CA SER C 134 3.47 -33.59 13.61
CA TYR C 135 1.85 -30.56 15.16
CA PHE C 136 2.61 -26.98 14.55
CA GLU C 137 1.27 -23.55 15.08
CA ILE C 138 1.86 -20.51 13.00
CA TYR C 139 2.07 -17.29 14.93
CA LEU C 140 3.60 -14.12 13.58
CA ASP C 141 3.48 -16.30 10.45
CA LYS C 142 6.49 -17.97 11.84
CA ILE C 143 5.62 -21.51 12.41
CA ARG C 144 6.40 -23.08 15.63
CA ASP C 145 6.97 -26.69 16.30
CA LEU C 146 4.09 -27.12 18.64
CA LEU C 147 5.79 -30.30 19.56
CA ASP C 148 9.34 -29.13 19.92
CA VAL C 149 8.91 -25.81 21.65
CA THR C 150 12.55 -25.31 20.91
CA LYS C 151 11.93 -24.38 17.35
CA THR C 152 9.82 -21.25 17.05
CA ASN C 153 10.79 -20.29 13.58
CA LEU C 154 11.28 -23.77 12.21
CA SER C 155 12.54 -23.94 8.69
CA VAL C 156 10.31 -24.77 5.79
CA HIS C 157 12.02 -26.67 3.09
CA GLU C 158 10.39 -28.00 0.07
CA ASP C 159 10.28 -31.33 -1.53
CA LYS C 160 11.63 -31.98 -4.96
CA ASN C 161 8.14 -32.58 -5.92
CA ARG C 162 7.59 -29.18 -4.62
CA VAL C 163 5.62 -29.15 -1.44
CA PRO C 164 6.17 -27.96 2.04
CA PHE C 165 7.57 -30.01 4.77
CA VAL C 166 8.60 -28.35 7.97
CA LYS C 167 11.97 -29.50 8.99
CA GLY C 168 12.84 -29.45 12.64
CA CYS C 169 9.29 -30.17 13.55
CA THR C 170 9.06 -33.51 15.18
CA GLU C 171 7.05 -36.31 13.89
CA ARG C 172 6.62 -39.05 16.38
CA PHE C 173 5.49 -42.47 15.54
CA VAL C 174 2.52 -42.35 17.86
CA SER C 175 1.18 -45.89 17.83
CA SER C 176 -2.03 -46.09 19.75
CA PRO C 177 -4.48 -43.31 19.99
CA GLU C 178 -3.47 -42.11 23.36
CA GLU C 179 -0.13 -40.96 22.20
CA ILE C 180 -1.90 -38.98 19.53
CA LEU C 181 -4.21 -37.17 21.93
CA ASP C 182 -1.14 -36.46 23.94
CA VAL C 183 0.76 -34.84 21.15
CA ILE C 184 -2.43 -33.11 20.30
CA ASP C 185 -2.88 -32.01 23.90
CA GLU C 186 0.55 -30.77 24.73
CA GLY C 187 1.16 -29.16 21.37
CA LYS C 188 -2.19 -27.50 21.93
CA SER C 189 -0.85 -26.25 25.16
CA ASN C 190 1.91 -24.75 23.13
CA ARG C 191 -0.42 -23.06 20.65
CA HIS C 192 -0.28 -19.35 21.24
CA VAL C 193 -3.59 -18.31 22.59
CA ALA C 194 -4.57 -14.69 22.90
CA VAL C 195 -7.50 -13.32 24.83
CA THR C 196 -9.73 -10.69 23.28
CA ASN C 197 -13.15 -9.51 24.29
CA MET C 198 -14.49 -11.21 21.20
CA ASN C 199 -13.04 -14.56 21.90
CA GLU C 200 -10.73 -15.02 24.79
CA HIS C 201 -9.82 -18.52 23.72
CA SER C 202 -9.22 -16.79 20.49
CA SER C 203 -6.95 -18.92 18.45
CA ARG C 204 -4.69 -16.72 16.49
CA SER C 205 -1.87 -18.64 14.99
CA HIS C 206 -2.97 -21.29 12.59
CA SER C 207 -2.53 -24.72 14.05
CA ILE C 208 -2.11 -27.62 11.74
CA PHE C 209 -1.93 -31.19 12.92
CA LEU C 210 -0.90 -33.78 10.46
CA ILE C 211 -1.58 -37.42 10.53
CA ASN C 212 0.67 -39.19 8.13
CA ILE C 213 0.48 -42.95 8.24
CA LYS C 214 2.74 -45.46 6.68
CA GLN C 215 1.33 -48.74 5.46
CA GLU C 216 3.49 -51.66 4.47
CA ASN C 217 2.05 -54.86 3.08
CA MET C 218 3.85 -57.99 4.12
CA GLU C 219 2.09 -60.44 1.87
CA THR C 220 2.05 -58.23 -1.15
CA GLU C 221 4.94 -55.93 -0.46
CA GLN C 222 3.22 -52.89 -1.77
CA LYS C 223 3.27 -49.79 0.28
CA LEU C 224 1.86 -46.38 -0.17
CA SER C 225 1.40 -43.51 2.16
CA GLY C 226 -0.39 -40.21 2.37
CA LYS C 227 -1.17 -37.42 4.79
CA LEU C 228 -4.19 -35.85 6.36
CA TYR C 229 -3.97 -32.16 6.98
CA LEU C 230 -5.82 -30.96 9.96
CA VAL C 231 -6.18 -27.29 10.60
CA ASP C 232 -8.65 -25.24 12.45
CA LEU C 233 -7.88 -22.15 10.47
CA ALA C 234 -7.93 -18.71 11.93
CA GLY C 235 -10.97 -16.76 11.02
CA SER C 236 -10.59 -13.14 10.16
CA GLU C 237 -11.58 -10.65 12.77
CA LYS C 238 -12.55 -7.06 12.64
CA VAL C 239 -10.39 -4.68 14.54
CA SER C 240 -13.29 -2.80 16.00
CA LYS C 241 -15.27 -5.95 16.61
CA THR C 242 -12.87 -7.91 18.70
CA GLY C 243 -11.53 -4.64 20.01
CA ALA C 244 -8.30 -6.49 19.85
CA GLU C 245 -5.62 -3.93 20.44
CA GLY C 246 -1.88 -4.08 20.42
CA ALA C 247 -0.37 -7.51 20.29
CA VAL C 248 -3.63 -9.26 19.64
CA LEU C 249 -4.07 -6.70 16.94
CA ASP C 250 -0.88 -7.79 15.24
CA GLU C 251 -1.78 -11.42 15.62
CA ALA C 252 -5.09 -10.45 14.13
CA LYS C 253 -3.61 -8.52 11.26
CA ASN C 254 -1.47 -11.57 10.89
CA ILE C 255 -4.47 -13.81 10.63
CA ASN C 256 -6.26 -11.34 8.42
CA LYS C 257 -3.79 -11.08 5.61
CA SER C 258 -3.33 -14.81 6.02
CA LEU C 259 -6.98 -15.04 5.13
CA SER C 260 -7.03 -12.28 2.55
CA ALA C 261 -4.31 -14.42 1.09
CA LEU C 262 -6.15 -17.74 1.12
CA GLY C 263 -9.30 -16.39 -0.41
CA ASN C 264 -7.43 -14.68 -3.19
CA VAL C 265 -6.00 -18.02 -4.22
CA ILE C 266 -9.27 -19.89 -4.47
CA SER C 267 -10.68 -17.10 -6.53
CA ALA C 268 -7.84 -17.55 -8.90
CA LEU C 269 -8.19 -21.33 -8.81
CA ALA C 270 -11.92 -20.87 -8.95
CA GLU C 271 -11.71 -18.72 -11.99
CA GLY C 272 -10.90 -21.04 -14.83
CA THR C 273 -7.87 -19.15 -15.91
CA LYS C 274 -4.77 -20.61 -14.33
CA SER C 275 -2.91 -17.74 -12.70
CA TYR C 276 0.31 -17.48 -10.62
CA VAL C 277 -1.50 -18.69 -7.62
CA PRO C 278 -0.65 -16.86 -4.48
CA TYR C 279 0.87 -20.19 -3.50
CA ARG C 280 4.48 -19.24 -3.36
CA ASP C 281 3.44 -16.01 -1.67
CA SER C 282 2.38 -17.33 1.68
CA LYS C 283 4.42 -20.21 2.99
CA MET C 284 1.33 -21.47 4.73
CA THR C 285 -0.77 -21.61 1.63
CA ARG C 286 2.25 -23.20 0.12
CA ILE C 287 1.31 -26.07 2.33
CA LEU C 288 -2.23 -25.32 1.22
CA GLN C 289 -1.15 -26.06 -2.34
CA ASP C 290 -1.82 -29.77 -2.68
CA SER C 291 -4.86 -29.28 -0.53
CA LEU C 292 -6.24 -26.48 -2.61
CA GLY C 293 -5.69 -27.88 -6.04
CA GLY C 294 -3.04 -30.53 -5.71
CA ASN C 295 -3.86 -34.10 -4.98
CA CYS C 296 -5.86 -33.53 -1.90
CA ARG C 297 -9.34 -34.57 -1.01
CA THR C 298 -10.48 -31.41 0.70
CA THR C 299 -13.40 -30.42 2.85
CA MET C 300 -14.01 -26.76 3.58
CA PHE C 301 -15.67 -26.33 6.90
CA ILE C 302 -17.62 -23.13 6.85
CA CYS C 303 -18.71 -22.07 10.24
CA CYS C 304 -21.21 -19.30 10.20
CA SER C 305 -23.03 -17.14 12.63
CA PRO C 306 -26.60 -16.26 12.13
CA SER C 307 -25.51 -13.07 13.85
CA SER C 308 -27.37 -10.43 11.99
CA TYR C 309 -24.64 -7.85 12.35
CA ASN C 310 -22.43 -10.65 11.08
CA ASP C 311 -24.22 -11.02 7.81
CA ALA C 312 -21.77 -8.59 6.35
CA GLU C 313 -18.96 -11.04 6.71
CA THR C 314 -20.94 -14.24 6.96
CA LYS C 315 -21.74 -13.44 3.39
CA SER C 316 -18.00 -13.24 3.13
CA THR C 317 -17.55 -16.82 4.22
CA LEU C 318 -20.62 -17.71 2.27
CA MET C 319 -19.18 -16.38 -0.93
CA PHE C 320 -16.06 -18.11 0.31
CA GLY C 321 -17.55 -21.54 0.51
CA GLN C 322 -19.27 -21.81 -2.81
CA ARG C 323 -16.30 -20.55 -4.75
CA ALA C 324 -14.20 -23.19 -3.07
CA LYS C 325 -16.65 -25.86 -4.16
CA THR C 326 -15.93 -24.99 -7.79
CA ILE C 327 -12.25 -25.75 -7.71
CA LYS C 328 -11.37 -29.32 -8.40
CA ASN C 329 -8.67 -31.26 -6.71
CA THR C 330 -7.17 -33.75 -9.07
CA ALA C 331 -7.00 -36.04 -6.10
CA SER C 332 -4.79 -38.67 -7.55
CA VAL C 333 -3.39 -41.62 -5.75
CA ASN C 334 -0.02 -41.83 -4.15
CA LEU C 335 1.59 -44.66 -5.92
CA GLU C 336 4.81 -43.77 -4.23
CA LEU C 337 6.52 -46.69 -5.79
#